data_3KE4
#
_entry.id   3KE4
#
_cell.length_a   64.927
_cell.length_b   137.083
_cell.length_c   158.551
_cell.angle_alpha   90.000
_cell.angle_beta   90.000
_cell.angle_gamma   90.000
#
_symmetry.space_group_name_H-M   'C 2 2 21'
#
loop_
_entity.id
_entity.type
_entity.pdbx_description
1 polymer 'Hypothetical Cytosolic Protein'
2 non-polymer '1,4-DIETHYLENE DIOXIDE'
3 water water
#
_entity_poly.entity_id   1
_entity_poly.type   'polypeptide(L)'
_entity_poly.pdbx_seq_one_letter_code
;MGSSHHHHHHSSGLVPAGSHMKLYTKTGDKGTTSVIGGRVDKDDIRVEAYGTIDEANSHIGYAMTKLQGGAFIDIYNELE
NIQHELFDCGGDLAIVEQKIPYKVTIVMVESLERKIDLYIEEAPPLERFILPGGSEAAATIHIARTVVRRAERSIVSLQK
EVKINEVVLKYVNRLSDYLFAIARVINARLQVKDVEYNRSAVVFRDKKEKEVE
;
_entity_poly.pdbx_strand_id   A,B,C
#
# COMPACT_ATOMS: atom_id res chain seq x y z
N GLY A 31 -7.44 23.44 -5.59
CA GLY A 31 -6.21 22.60 -5.60
C GLY A 31 -5.49 22.62 -4.28
N THR A 32 -6.08 23.29 -3.29
CA THR A 32 -5.49 23.38 -1.96
C THR A 32 -6.38 22.69 -0.94
N THR A 33 -5.84 22.50 0.27
CA THR A 33 -6.60 21.86 1.34
C THR A 33 -6.37 22.61 2.64
N SER A 34 -7.39 22.61 3.50
CA SER A 34 -7.29 23.31 4.78
C SER A 34 -6.51 22.49 5.81
N VAL A 35 -5.65 23.17 6.54
CA VAL A 35 -4.86 22.55 7.60
C VAL A 35 -5.04 23.40 8.84
N ILE A 36 -4.32 23.08 9.91
CA ILE A 36 -4.44 23.86 11.14
C ILE A 36 -3.63 25.15 11.05
N GLY A 37 -4.34 26.25 10.84
CA GLY A 37 -3.70 27.55 10.76
C GLY A 37 -3.20 27.92 9.37
N GLY A 38 -3.98 27.57 8.35
CA GLY A 38 -3.57 27.89 6.99
C GLY A 38 -4.15 26.99 5.92
N ARG A 39 -3.50 26.99 4.76
CA ARG A 39 -3.95 26.18 3.63
C ARG A 39 -2.73 25.81 2.77
N VAL A 40 -2.70 24.58 2.27
CA VAL A 40 -1.58 24.14 1.43
C VAL A 40 -2.08 23.35 0.22
N ASP A 41 -1.23 23.24 -0.80
CA ASP A 41 -1.58 22.50 -2.00
C ASP A 41 -1.83 21.04 -1.61
N LYS A 42 -2.80 20.41 -2.26
CA LYS A 42 -3.13 19.02 -1.93
C LYS A 42 -2.00 18.03 -2.19
N ASP A 43 -1.00 18.44 -2.96
CA ASP A 43 0.13 17.55 -3.23
C ASP A 43 1.39 18.02 -2.52
N ASP A 44 1.20 18.83 -1.49
CA ASP A 44 2.32 19.35 -0.70
C ASP A 44 2.94 18.19 0.07
N ILE A 45 4.26 18.22 0.25
CA ILE A 45 4.94 17.14 0.97
C ILE A 45 4.36 16.95 2.37
N ARG A 46 3.75 18.01 2.90
CA ARG A 46 3.13 17.96 4.22
C ARG A 46 1.91 17.05 4.18
N VAL A 47 1.11 17.19 3.12
CA VAL A 47 -0.08 16.39 2.96
C VAL A 47 0.30 14.93 2.67
N GLU A 48 1.37 14.74 1.93
CA GLU A 48 1.84 13.39 1.60
C GLU A 48 2.22 12.71 2.91
N ALA A 49 2.82 13.48 3.81
CA ALA A 49 3.25 12.96 5.10
C ALA A 49 2.09 12.51 5.98
N TYR A 50 1.13 13.38 6.25
CA TYR A 50 0.02 12.94 7.11
C TYR A 50 -0.94 12.02 6.39
N GLY A 51 -0.99 12.12 5.06
CA GLY A 51 -1.85 11.24 4.30
C GLY A 51 -1.31 9.82 4.38
N THR A 52 0.02 9.69 4.43
CA THR A 52 0.64 8.37 4.51
C THR A 52 0.55 7.83 5.93
N ILE A 53 0.52 8.72 6.92
CA ILE A 53 0.38 8.31 8.31
C ILE A 53 -1.00 7.64 8.37
N ASP A 54 -1.97 8.29 7.72
CA ASP A 54 -3.34 7.79 7.66
C ASP A 54 -3.35 6.41 7.00
N GLU A 55 -2.60 6.26 5.91
CA GLU A 55 -2.53 4.99 5.20
C GLU A 55 -2.00 3.91 6.14
N ALA A 56 -0.94 4.23 6.88
CA ALA A 56 -0.34 3.28 7.81
C ALA A 56 -1.34 2.92 8.91
N ASN A 57 -2.06 3.94 9.39
CA ASN A 57 -3.03 3.74 10.46
C ASN A 57 -4.14 2.78 9.97
N SER A 58 -4.49 2.87 8.70
CA SER A 58 -5.54 1.99 8.15
C SER A 58 -5.07 0.53 8.09
N HIS A 59 -3.78 0.30 7.79
CA HIS A 59 -3.27 -1.06 7.74
C HIS A 59 -3.26 -1.63 9.16
N ILE A 60 -2.91 -0.80 10.13
CA ILE A 60 -2.89 -1.26 11.51
C ILE A 60 -4.32 -1.64 11.90
N GLY A 61 -5.28 -0.81 11.49
CA GLY A 61 -6.66 -1.11 11.80
C GLY A 61 -7.10 -2.45 11.22
N TYR A 62 -6.64 -2.76 10.03
CA TYR A 62 -7.00 -4.03 9.40
C TYR A 62 -6.31 -5.20 10.12
N ALA A 63 -5.05 -5.00 10.49
CA ALA A 63 -4.31 -6.04 11.19
C ALA A 63 -5.00 -6.34 12.52
N MET A 64 -5.52 -5.30 13.16
CA MET A 64 -6.20 -5.44 14.43
C MET A 64 -7.40 -6.38 14.37
N THR A 65 -8.07 -6.45 13.22
CA THR A 65 -9.23 -7.33 13.12
C THR A 65 -8.80 -8.79 13.21
N LYS A 66 -7.53 -9.06 12.96
CA LYS A 66 -7.00 -10.42 13.02
C LYS A 66 -6.38 -10.71 14.39
N LEU A 67 -6.32 -9.71 15.24
CA LEU A 67 -5.70 -9.86 16.56
C LEU A 67 -6.62 -9.70 17.76
N GLN A 68 -7.91 -10.01 17.57
CA GLN A 68 -8.88 -9.87 18.66
C GLN A 68 -8.90 -11.06 19.61
N GLY A 69 -8.17 -12.12 19.27
CA GLY A 69 -8.12 -13.29 20.11
C GLY A 69 -7.50 -13.05 21.48
N GLY A 70 -7.86 -13.88 22.45
CA GLY A 70 -7.34 -13.73 23.79
C GLY A 70 -5.83 -13.82 23.88
N ALA A 71 -5.21 -14.42 22.89
CA ALA A 71 -3.76 -14.57 22.88
C ALA A 71 -3.02 -13.29 22.53
N PHE A 72 -3.76 -12.27 22.07
CA PHE A 72 -3.14 -11.01 21.66
C PHE A 72 -3.69 -9.77 22.34
N ILE A 73 -4.35 -9.95 23.48
CA ILE A 73 -4.94 -8.84 24.21
C ILE A 73 -3.95 -7.70 24.43
N ASP A 74 -2.73 -8.03 24.85
CA ASP A 74 -1.72 -7.02 25.08
C ASP A 74 -1.37 -6.24 23.81
N ILE A 75 -1.12 -6.95 22.72
CA ILE A 75 -0.77 -6.29 21.47
C ILE A 75 -1.94 -5.49 20.89
N TYR A 76 -3.14 -6.05 20.99
CA TYR A 76 -4.32 -5.37 20.46
C TYR A 76 -4.54 -4.04 21.15
N ASN A 77 -4.44 -4.03 22.48
CA ASN A 77 -4.63 -2.80 23.25
C ASN A 77 -3.54 -1.77 22.92
N GLU A 78 -2.33 -2.25 22.67
CA GLU A 78 -1.23 -1.34 22.34
C GLU A 78 -1.46 -0.74 20.97
N LEU A 79 -2.01 -1.54 20.05
CA LEU A 79 -2.29 -1.06 18.71
C LEU A 79 -3.46 -0.07 18.76
N GLU A 80 -4.43 -0.31 19.63
CA GLU A 80 -5.56 0.61 19.79
C GLU A 80 -5.02 1.98 20.16
N ASN A 81 -4.09 2.00 21.10
CA ASN A 81 -3.47 3.22 21.57
C ASN A 81 -2.63 3.85 20.46
N ILE A 82 -1.89 3.00 19.74
CA ILE A 82 -1.04 3.49 18.66
C ILE A 82 -1.86 4.18 17.57
N GLN A 83 -3.08 3.71 17.33
CA GLN A 83 -3.92 4.35 16.31
C GLN A 83 -4.20 5.79 16.71
N HIS A 84 -4.36 6.01 18.02
CA HIS A 84 -4.62 7.36 18.51
C HIS A 84 -3.39 8.22 18.33
N GLU A 85 -2.23 7.68 18.71
CA GLU A 85 -0.97 8.40 18.60
C GLU A 85 -0.65 8.71 17.14
N LEU A 86 -0.95 7.77 16.26
CA LEU A 86 -0.69 7.96 14.84
C LEU A 86 -1.60 9.08 14.34
N PHE A 87 -2.84 9.09 14.83
CA PHE A 87 -3.77 10.14 14.43
C PHE A 87 -3.21 11.48 14.92
N ASP A 88 -2.63 11.48 16.12
CA ASP A 88 -2.03 12.69 16.68
C ASP A 88 -0.82 13.13 15.86
N CYS A 89 -0.07 12.16 15.34
CA CYS A 89 1.09 12.48 14.51
C CYS A 89 0.59 13.26 13.29
N GLY A 90 -0.48 12.77 12.68
CA GLY A 90 -1.04 13.44 11.51
C GLY A 90 -1.50 14.85 11.84
N GLY A 91 -2.14 15.01 12.99
CA GLY A 91 -2.61 16.32 13.40
C GLY A 91 -1.46 17.28 13.59
N ASP A 92 -0.38 16.80 14.20
CA ASP A 92 0.81 17.62 14.43
C ASP A 92 1.46 18.05 13.12
N LEU A 93 1.43 17.16 12.12
CA LEU A 93 2.01 17.47 10.82
C LEU A 93 1.16 18.45 10.03
N ALA A 94 -0.12 18.54 10.39
CA ALA A 94 -1.03 19.45 9.71
C ALA A 94 -1.00 20.84 10.33
N ILE A 95 -0.23 21.00 11.40
CA ILE A 95 -0.13 22.30 12.08
C ILE A 95 0.91 23.19 11.43
N VAL A 96 0.47 24.32 10.89
CA VAL A 96 1.37 25.26 10.24
C VAL A 96 1.84 26.37 11.19
N GLU A 97 3.15 26.44 11.39
CA GLU A 97 3.78 27.45 12.25
C GLU A 97 3.29 27.43 13.69
N GLN A 98 3.29 26.26 14.32
CA GLN A 98 2.86 26.10 15.70
C GLN A 98 1.63 26.90 16.09
N LYS A 99 0.56 26.77 15.31
CA LYS A 99 -0.69 27.48 15.60
C LYS A 99 -1.21 27.04 16.96
N ILE A 100 -0.96 25.78 17.32
CA ILE A 100 -1.38 25.22 18.60
C ILE A 100 -0.30 24.24 19.08
N PRO A 101 -0.31 23.91 20.38
CA PRO A 101 0.69 22.99 20.97
C PRO A 101 0.63 21.61 20.32
N TYR A 102 1.80 21.00 20.11
CA TYR A 102 1.85 19.67 19.53
C TYR A 102 1.31 18.65 20.52
N LYS A 103 0.81 17.54 19.99
CA LYS A 103 0.25 16.47 20.81
C LYS A 103 1.20 15.30 21.03
N VAL A 104 2.03 15.01 20.03
CA VAL A 104 2.97 13.90 20.15
C VAL A 104 4.16 14.28 21.03
N THR A 105 4.40 13.49 22.07
CA THR A 105 5.49 13.75 23.01
C THR A 105 6.51 12.64 23.12
N ILE A 106 7.68 12.98 23.66
CA ILE A 106 8.76 12.02 23.84
C ILE A 106 8.32 10.85 24.71
N VAL A 107 7.36 11.10 25.60
CA VAL A 107 6.86 10.06 26.49
C VAL A 107 6.29 8.88 25.69
N MET A 108 5.62 9.19 24.59
CA MET A 108 5.03 8.13 23.76
C MET A 108 6.12 7.39 22.98
N VAL A 109 7.21 8.08 22.68
CA VAL A 109 8.32 7.47 21.96
C VAL A 109 9.00 6.47 22.89
N GLU A 110 9.19 6.87 24.14
CA GLU A 110 9.83 6.01 25.11
C GLU A 110 8.98 4.77 25.38
N SER A 111 7.67 4.94 25.34
CA SER A 111 6.76 3.84 25.56
C SER A 111 6.98 2.76 24.51
N LEU A 112 7.19 3.20 23.27
CA LEU A 112 7.42 2.31 22.15
C LEU A 112 8.74 1.57 22.37
N GLU A 113 9.77 2.31 22.75
CA GLU A 113 11.09 1.73 22.96
C GLU A 113 11.08 0.64 24.03
N ARG A 114 10.30 0.84 25.11
CA ARG A 114 10.22 -0.15 26.17
C ARG A 114 9.55 -1.43 25.66
N LYS A 115 8.51 -1.28 24.86
CA LYS A 115 7.80 -2.44 24.32
C LYS A 115 8.67 -3.19 23.32
N ILE A 116 9.47 -2.44 22.57
CA ILE A 116 10.36 -3.05 21.59
C ILE A 116 11.31 -4.05 22.28
N ASP A 117 12.00 -3.60 23.32
CA ASP A 117 12.92 -4.49 24.03
C ASP A 117 12.16 -5.70 24.55
N LEU A 118 11.00 -5.43 25.14
CA LEU A 118 10.15 -6.47 25.70
C LEU A 118 9.81 -7.55 24.67
N TYR A 119 9.39 -7.13 23.48
CA TYR A 119 9.04 -8.10 22.46
C TYR A 119 10.23 -8.79 21.81
N ILE A 120 11.37 -8.10 21.72
CA ILE A 120 12.56 -8.71 21.16
C ILE A 120 12.95 -9.82 22.13
N GLU A 121 12.69 -9.59 23.41
CA GLU A 121 12.99 -10.55 24.45
C GLU A 121 12.11 -11.79 24.35
N GLU A 122 10.83 -11.57 24.03
CA GLU A 122 9.89 -12.68 23.90
C GLU A 122 10.15 -13.53 22.67
N ALA A 123 10.39 -12.86 21.54
CA ALA A 123 10.63 -13.56 20.28
C ALA A 123 11.93 -14.36 20.31
N PRO A 124 11.99 -15.42 19.50
CA PRO A 124 13.22 -16.23 19.47
C PRO A 124 14.41 -15.39 19.01
N PRO A 125 15.63 -15.85 19.32
CA PRO A 125 16.82 -15.09 18.91
C PRO A 125 16.85 -14.84 17.41
N LEU A 126 17.20 -13.62 17.03
CA LEU A 126 17.26 -13.22 15.62
C LEU A 126 18.68 -12.89 15.21
N GLU A 127 19.19 -13.60 14.20
CA GLU A 127 20.55 -13.39 13.74
C GLU A 127 20.66 -13.19 12.23
N ARG A 128 19.53 -13.29 11.53
CA ARG A 128 19.51 -13.14 10.08
C ARG A 128 18.23 -12.42 9.66
N PHE A 129 18.25 -11.83 8.47
CA PHE A 129 17.07 -11.17 7.95
C PHE A 129 16.05 -12.28 7.73
N ILE A 130 14.77 -11.95 7.83
CA ILE A 130 13.73 -12.95 7.65
C ILE A 130 12.65 -12.44 6.68
N LEU A 131 12.00 -13.37 5.99
CA LEU A 131 10.95 -13.02 5.05
C LEU A 131 9.76 -12.40 5.77
N PRO A 132 9.22 -11.29 5.23
CA PRO A 132 8.06 -10.65 5.86
C PRO A 132 6.81 -11.45 5.50
N GLY A 133 6.13 -11.98 6.51
CA GLY A 133 4.93 -12.76 6.25
C GLY A 133 4.67 -13.75 7.37
N GLY A 134 4.14 -14.91 7.02
CA GLY A 134 3.85 -15.92 8.02
C GLY A 134 2.36 -16.05 8.24
N SER A 135 1.89 -15.55 9.38
CA SER A 135 0.46 -15.59 9.69
C SER A 135 -0.17 -14.39 9.02
N GLU A 136 -1.48 -14.41 8.84
CA GLU A 136 -2.18 -13.28 8.23
C GLU A 136 -1.95 -12.00 9.04
N ALA A 137 -2.02 -12.13 10.36
CA ALA A 137 -1.83 -10.99 11.25
C ALA A 137 -0.43 -10.41 11.11
N ALA A 138 0.59 -11.25 11.23
CA ALA A 138 1.97 -10.79 11.11
C ALA A 138 2.20 -10.14 9.76
N ALA A 139 1.67 -10.76 8.70
CA ALA A 139 1.85 -10.24 7.35
C ALA A 139 1.29 -8.83 7.20
N THR A 140 0.08 -8.60 7.72
CA THR A 140 -0.50 -7.26 7.63
C THR A 140 0.32 -6.27 8.46
N ILE A 141 0.86 -6.76 9.57
CA ILE A 141 1.69 -5.89 10.41
C ILE A 141 2.95 -5.52 9.63
N HIS A 142 3.53 -6.49 8.91
CA HIS A 142 4.72 -6.20 8.12
C HIS A 142 4.42 -5.15 7.05
N ILE A 143 3.23 -5.22 6.46
CA ILE A 143 2.87 -4.23 5.45
C ILE A 143 2.78 -2.87 6.14
N ALA A 144 2.11 -2.84 7.29
CA ALA A 144 1.97 -1.60 8.04
C ALA A 144 3.36 -1.04 8.30
N ARG A 145 4.29 -1.91 8.70
CA ARG A 145 5.65 -1.51 8.99
C ARG A 145 6.26 -0.77 7.79
N THR A 146 6.12 -1.33 6.60
CA THR A 146 6.68 -0.70 5.41
C THR A 146 5.99 0.62 5.07
N VAL A 147 4.71 0.75 5.36
CA VAL A 147 3.99 1.99 5.07
C VAL A 147 4.41 3.07 6.07
N VAL A 148 4.67 2.66 7.31
CA VAL A 148 5.12 3.62 8.33
C VAL A 148 6.49 4.16 7.92
N ARG A 149 7.33 3.28 7.39
CA ARG A 149 8.66 3.69 6.95
C ARG A 149 8.55 4.63 5.75
N ARG A 150 7.54 4.41 4.91
CA ARG A 150 7.32 5.27 3.75
C ARG A 150 6.87 6.64 4.29
N ALA A 151 6.08 6.64 5.34
CA ALA A 151 5.60 7.88 5.93
C ALA A 151 6.80 8.62 6.53
N GLU A 152 7.73 7.86 7.12
CA GLU A 152 8.93 8.44 7.71
C GLU A 152 9.76 9.20 6.68
N ARG A 153 9.86 8.64 5.48
CA ARG A 153 10.63 9.28 4.43
C ARG A 153 9.99 10.62 4.06
N SER A 154 8.66 10.65 3.98
CA SER A 154 7.96 11.90 3.65
C SER A 154 8.16 12.94 4.74
N ILE A 155 8.19 12.49 5.99
CA ILE A 155 8.38 13.40 7.12
C ILE A 155 9.81 13.97 7.08
N VAL A 156 10.77 13.14 6.69
CA VAL A 156 12.15 13.58 6.60
C VAL A 156 12.24 14.69 5.56
N SER A 157 11.55 14.51 4.44
CA SER A 157 11.53 15.50 3.37
C SER A 157 10.84 16.77 3.84
N LEU A 158 9.73 16.63 4.55
CA LEU A 158 9.00 17.78 5.05
C LEU A 158 9.89 18.62 5.95
N GLN A 159 10.58 17.95 6.87
CA GLN A 159 11.47 18.61 7.82
C GLN A 159 12.59 19.41 7.13
N LYS A 160 12.91 19.04 5.90
CA LYS A 160 13.95 19.75 5.16
C LYS A 160 13.43 21.07 4.62
N GLU A 161 12.11 21.23 4.61
CA GLU A 161 11.49 22.44 4.11
C GLU A 161 10.96 23.37 5.22
N VAL A 162 10.33 22.77 6.23
CA VAL A 162 9.78 23.57 7.32
C VAL A 162 10.01 22.95 8.69
N LYS A 163 9.69 23.69 9.73
CA LYS A 163 9.84 23.21 11.09
C LYS A 163 8.66 22.28 11.37
N ILE A 164 8.94 21.19 12.07
CA ILE A 164 7.90 20.22 12.41
C ILE A 164 8.14 19.77 13.84
N ASN A 165 7.19 19.02 14.38
CA ASN A 165 7.36 18.49 15.71
C ASN A 165 8.33 17.33 15.50
N GLU A 166 9.60 17.53 15.84
CA GLU A 166 10.61 16.50 15.66
C GLU A 166 10.29 15.19 16.35
N VAL A 167 9.47 15.26 17.41
CA VAL A 167 9.11 14.06 18.15
C VAL A 167 8.32 13.10 17.26
N VAL A 168 7.57 13.66 16.31
CA VAL A 168 6.78 12.85 15.38
C VAL A 168 7.71 11.97 14.54
N LEU A 169 8.82 12.55 14.09
CA LEU A 169 9.77 11.80 13.30
C LEU A 169 10.37 10.68 14.13
N LYS A 170 10.70 10.96 15.38
CA LYS A 170 11.26 9.95 16.27
C LYS A 170 10.24 8.84 16.53
N TYR A 171 8.98 9.23 16.69
CA TYR A 171 7.92 8.27 16.96
C TYR A 171 7.72 7.31 15.79
N VAL A 172 7.58 7.85 14.58
CA VAL A 172 7.38 6.99 13.41
C VAL A 172 8.60 6.09 13.19
N ASN A 173 9.78 6.61 13.53
CA ASN A 173 11.01 5.85 13.37
C ASN A 173 10.97 4.61 14.28
N ARG A 174 10.60 4.82 15.54
CA ARG A 174 10.51 3.73 16.51
C ARG A 174 9.33 2.79 16.20
N LEU A 175 8.24 3.35 15.72
CA LEU A 175 7.06 2.53 15.42
C LEU A 175 7.34 1.39 14.44
N SER A 176 8.17 1.62 13.42
CA SER A 176 8.45 0.55 12.46
C SER A 176 9.21 -0.58 13.16
N ASP A 177 10.05 -0.26 14.13
CA ASP A 177 10.80 -1.28 14.85
C ASP A 177 9.83 -2.07 15.75
N TYR A 178 8.88 -1.35 16.33
CA TYR A 178 7.88 -1.96 17.20
C TYR A 178 7.04 -2.95 16.37
N LEU A 179 6.62 -2.52 15.19
CA LEU A 179 5.81 -3.36 14.31
C LEU A 179 6.60 -4.60 13.88
N PHE A 180 7.87 -4.42 13.60
CA PHE A 180 8.69 -5.56 13.21
C PHE A 180 8.72 -6.55 14.39
N ALA A 181 8.92 -6.01 15.59
CA ALA A 181 8.99 -6.83 16.79
C ALA A 181 7.71 -7.63 17.07
N ILE A 182 6.55 -6.98 17.02
CA ILE A 182 5.33 -7.71 17.31
C ILE A 182 4.96 -8.66 16.17
N ALA A 183 5.42 -8.37 14.95
CA ALA A 183 5.13 -9.26 13.84
C ALA A 183 5.77 -10.61 14.16
N ARG A 184 7.01 -10.59 14.60
CA ARG A 184 7.73 -11.83 14.95
C ARG A 184 7.11 -12.50 16.16
N VAL A 185 6.63 -11.71 17.11
CA VAL A 185 6.01 -12.27 18.32
C VAL A 185 4.69 -12.93 17.95
N ILE A 186 3.92 -12.28 17.08
CA ILE A 186 2.64 -12.81 16.64
C ILE A 186 2.85 -14.18 16.00
N ASN A 187 3.84 -14.27 15.11
CA ASN A 187 4.13 -15.54 14.46
C ASN A 187 4.56 -16.58 15.49
N ALA A 188 5.40 -16.17 16.42
CA ALA A 188 5.87 -17.09 17.46
C ALA A 188 4.67 -17.62 18.26
N ARG A 189 3.76 -16.73 18.63
CA ARG A 189 2.60 -17.15 19.39
C ARG A 189 1.69 -18.08 18.59
N LEU A 190 1.75 -17.97 17.26
CA LEU A 190 0.94 -18.82 16.39
C LEU A 190 1.75 -20.03 15.92
N GLN A 191 2.93 -20.19 16.50
CA GLN A 191 3.83 -21.29 16.16
C GLN A 191 4.25 -21.29 14.70
N VAL A 192 4.45 -20.10 14.15
CA VAL A 192 4.90 -19.94 12.78
C VAL A 192 6.37 -19.57 12.84
N LYS A 193 7.23 -20.42 12.29
CA LYS A 193 8.67 -20.15 12.32
C LYS A 193 9.11 -19.11 11.31
N ASP A 194 10.07 -18.28 11.70
CA ASP A 194 10.60 -17.27 10.79
C ASP A 194 11.32 -18.01 9.68
N VAL A 195 11.36 -17.42 8.50
CA VAL A 195 12.06 -18.02 7.36
C VAL A 195 13.25 -17.11 7.09
N GLU A 196 14.45 -17.60 7.36
CA GLU A 196 15.65 -16.81 7.16
C GLU A 196 16.06 -16.67 5.70
N TYR A 197 16.53 -15.46 5.37
CA TYR A 197 17.00 -15.11 4.04
C TYR A 197 18.00 -16.19 3.60
N ASN A 198 17.83 -16.73 2.38
CA ASN A 198 18.72 -17.79 1.93
C ASN A 198 20.18 -17.45 1.65
N ARG A 199 20.53 -16.17 1.73
CA ARG A 199 21.94 -15.81 1.52
C ARG A 199 22.48 -15.95 2.95
N SER A 200 22.78 -17.19 3.31
CA SER A 200 23.23 -17.57 4.64
C SER A 200 24.41 -16.85 5.28
N ALA A 201 25.22 -16.16 4.49
CA ALA A 201 26.37 -15.46 5.06
C ALA A 201 26.04 -14.02 5.45
N VAL A 202 24.84 -13.56 5.11
CA VAL A 202 24.46 -12.20 5.43
C VAL A 202 24.10 -12.10 6.93
N GLY B 31 18.80 11.71 10.45
CA GLY B 31 18.52 12.34 9.11
C GLY B 31 19.08 11.54 7.96
N THR B 32 20.06 10.68 8.24
CA THR B 32 20.67 9.85 7.21
C THR B 32 20.74 8.40 7.66
N THR B 33 20.88 7.50 6.70
CA THR B 33 20.97 6.07 7.00
C THR B 33 22.12 5.44 6.22
N SER B 34 22.68 4.38 6.77
CA SER B 34 23.81 3.72 6.12
C SER B 34 23.36 2.71 5.07
N VAL B 35 24.09 2.69 3.95
CA VAL B 35 23.83 1.76 2.87
C VAL B 35 25.12 0.99 2.68
N ILE B 36 25.17 0.11 1.69
CA ILE B 36 26.37 -0.68 1.46
C ILE B 36 27.42 0.10 0.68
N GLY B 37 28.41 0.64 1.41
CA GLY B 37 29.46 1.40 0.77
C GLY B 37 29.32 2.90 0.97
N GLY B 38 28.47 3.29 1.92
CA GLY B 38 28.28 4.71 2.17
C GLY B 38 27.04 5.02 2.99
N ARG B 39 26.61 6.28 2.94
CA ARG B 39 25.43 6.73 3.66
C ARG B 39 24.66 7.72 2.81
N VAL B 40 23.36 7.78 3.00
CA VAL B 40 22.50 8.68 2.26
C VAL B 40 21.37 9.17 3.17
N ASP B 41 20.70 10.23 2.75
CA ASP B 41 19.59 10.77 3.54
C ASP B 41 18.48 9.72 3.57
N LYS B 42 17.70 9.71 4.64
CA LYS B 42 16.62 8.74 4.79
C LYS B 42 15.54 8.86 3.72
N ASP B 43 15.48 10.00 3.04
CA ASP B 43 14.47 10.19 2.00
C ASP B 43 15.10 10.15 0.61
N ASP B 44 16.33 9.65 0.54
CA ASP B 44 17.04 9.52 -0.73
C ASP B 44 16.27 8.55 -1.62
N ILE B 45 16.30 8.79 -2.93
CA ILE B 45 15.60 7.93 -3.88
C ILE B 45 16.09 6.48 -3.77
N ARG B 46 17.33 6.30 -3.35
CA ARG B 46 17.87 4.95 -3.19
C ARG B 46 17.11 4.23 -2.09
N VAL B 47 16.90 4.94 -0.97
CA VAL B 47 16.17 4.38 0.17
C VAL B 47 14.72 4.13 -0.23
N GLU B 48 14.16 5.07 -0.99
CA GLU B 48 12.78 4.91 -1.43
C GLU B 48 12.68 3.65 -2.28
N ALA B 49 13.69 3.42 -3.12
CA ALA B 49 13.70 2.26 -3.98
C ALA B 49 13.68 0.94 -3.22
N TYR B 50 14.69 0.69 -2.40
CA TYR B 50 14.68 -0.59 -1.70
C TYR B 50 13.61 -0.64 -0.63
N GLY B 51 13.16 0.53 -0.18
CA GLY B 51 12.10 0.56 0.80
C GLY B 51 10.78 0.10 0.18
N THR B 52 10.58 0.45 -1.09
CA THR B 52 9.37 0.05 -1.79
C THR B 52 9.45 -1.40 -2.22
N ILE B 53 10.67 -1.91 -2.36
CA ILE B 53 10.86 -3.32 -2.70
C ILE B 53 10.41 -4.09 -1.46
N ASP B 54 10.78 -3.55 -0.30
CA ASP B 54 10.40 -4.15 0.98
C ASP B 54 8.88 -4.15 1.09
N GLU B 55 8.26 -3.04 0.70
CA GLU B 55 6.81 -2.93 0.76
C GLU B 55 6.15 -3.97 -0.14
N ALA B 56 6.72 -4.16 -1.34
CA ALA B 56 6.18 -5.14 -2.28
C ALA B 56 6.36 -6.56 -1.75
N ASN B 57 7.51 -6.81 -1.14
CA ASN B 57 7.82 -8.13 -0.59
C ASN B 57 6.83 -8.44 0.53
N SER B 58 6.45 -7.42 1.29
CA SER B 58 5.51 -7.60 2.39
C SER B 58 4.11 -7.91 1.84
N HIS B 59 3.75 -7.28 0.73
CA HIS B 59 2.44 -7.54 0.13
C HIS B 59 2.39 -8.97 -0.39
N ILE B 60 3.51 -9.42 -0.94
CA ILE B 60 3.58 -10.79 -1.44
C ILE B 60 3.47 -11.75 -0.26
N GLY B 61 4.08 -11.37 0.85
CA GLY B 61 4.01 -12.20 2.05
C GLY B 61 2.56 -12.38 2.51
N TYR B 62 1.77 -11.33 2.37
CA TYR B 62 0.36 -11.41 2.76
C TYR B 62 -0.42 -12.29 1.78
N ALA B 63 -0.20 -12.05 0.49
CA ALA B 63 -0.87 -12.82 -0.54
C ALA B 63 -0.59 -14.32 -0.35
N MET B 64 0.61 -14.64 0.10
CA MET B 64 0.99 -16.03 0.32
C MET B 64 0.13 -16.71 1.38
N THR B 65 -0.27 -15.96 2.41
CA THR B 65 -1.11 -16.54 3.46
C THR B 65 -2.46 -16.95 2.86
N LYS B 66 -2.81 -16.38 1.71
CA LYS B 66 -4.08 -16.72 1.06
C LYS B 66 -3.91 -17.87 0.08
N LEU B 67 -2.66 -18.29 -0.12
CA LEU B 67 -2.35 -19.36 -1.07
C LEU B 67 -1.79 -20.61 -0.39
N GLN B 68 -2.23 -20.85 0.84
CA GLN B 68 -1.76 -22.01 1.58
C GLN B 68 -2.51 -23.29 1.23
N GLY B 69 -3.49 -23.17 0.33
CA GLY B 69 -4.25 -24.34 -0.09
C GLY B 69 -3.40 -25.36 -0.80
N GLY B 70 -3.80 -26.63 -0.73
CA GLY B 70 -3.02 -27.68 -1.39
C GLY B 70 -3.00 -27.52 -2.89
N ALA B 71 -3.95 -26.75 -3.42
CA ALA B 71 -4.03 -26.52 -4.85
C ALA B 71 -3.02 -25.52 -5.36
N PHE B 72 -2.36 -24.82 -4.44
CA PHE B 72 -1.39 -23.80 -4.83
C PHE B 72 0.00 -23.99 -4.27
N ILE B 73 0.36 -25.21 -3.91
CA ILE B 73 1.68 -25.43 -3.35
C ILE B 73 2.78 -24.94 -4.29
N ASP B 74 2.58 -25.13 -5.58
CA ASP B 74 3.58 -24.68 -6.55
C ASP B 74 3.71 -23.15 -6.56
N ILE B 75 2.59 -22.45 -6.62
CA ILE B 75 2.63 -21.00 -6.65
C ILE B 75 3.16 -20.44 -5.34
N TYR B 76 2.74 -21.03 -4.23
CA TYR B 76 3.21 -20.58 -2.91
C TYR B 76 4.73 -20.74 -2.82
N ASN B 77 5.21 -21.89 -3.28
CA ASN B 77 6.63 -22.19 -3.24
C ASN B 77 7.44 -21.22 -4.11
N GLU B 78 6.89 -20.85 -5.26
CA GLU B 78 7.56 -19.92 -6.17
C GLU B 78 7.57 -18.53 -5.58
N LEU B 79 6.47 -18.16 -4.93
CA LEU B 79 6.35 -16.86 -4.30
C LEU B 79 7.36 -16.75 -3.15
N GLU B 80 7.49 -17.82 -2.39
CA GLU B 80 8.42 -17.85 -1.28
C GLU B 80 9.85 -17.60 -1.76
N ASN B 81 10.21 -18.20 -2.88
CA ASN B 81 11.55 -18.01 -3.43
C ASN B 81 11.69 -16.58 -3.92
N ILE B 82 10.64 -16.05 -4.51
CA ILE B 82 10.66 -14.68 -5.00
C ILE B 82 10.91 -13.69 -3.87
N GLN B 83 10.44 -14.03 -2.66
CA GLN B 83 10.66 -13.13 -1.52
C GLN B 83 12.16 -13.03 -1.23
N HIS B 84 12.88 -14.14 -1.36
CA HIS B 84 14.32 -14.13 -1.15
C HIS B 84 14.95 -13.29 -2.25
N GLU B 85 14.48 -13.49 -3.47
CA GLU B 85 15.04 -12.75 -4.60
C GLU B 85 14.75 -11.26 -4.51
N LEU B 86 13.71 -10.91 -3.77
CA LEU B 86 13.35 -9.51 -3.57
C LEU B 86 14.34 -8.93 -2.56
N PHE B 87 14.78 -9.76 -1.61
CA PHE B 87 15.77 -9.30 -0.65
C PHE B 87 17.06 -9.09 -1.44
N ASP B 88 17.29 -9.95 -2.43
CA ASP B 88 18.48 -9.81 -3.29
C ASP B 88 18.39 -8.46 -4.01
N CYS B 89 17.21 -8.15 -4.53
CA CYS B 89 16.97 -6.89 -5.23
C CYS B 89 17.23 -5.69 -4.32
N GLY B 90 16.67 -5.73 -3.13
CA GLY B 90 16.86 -4.64 -2.18
C GLY B 90 18.33 -4.48 -1.81
N GLY B 91 19.00 -5.60 -1.60
CA GLY B 91 20.41 -5.56 -1.25
C GLY B 91 21.23 -4.93 -2.36
N ASP B 92 20.99 -5.37 -3.60
CA ASP B 92 21.70 -4.83 -4.75
C ASP B 92 21.50 -3.32 -4.88
N LEU B 93 20.27 -2.88 -4.68
CA LEU B 93 19.95 -1.46 -4.79
C LEU B 93 20.61 -0.62 -3.70
N ALA B 94 21.01 -1.28 -2.61
CA ALA B 94 21.64 -0.58 -1.49
C ALA B 94 23.15 -0.45 -1.64
N ILE B 95 23.70 -1.07 -2.69
CA ILE B 95 25.14 -1.04 -2.93
C ILE B 95 25.63 0.23 -3.62
N VAL B 96 26.57 0.90 -2.98
CA VAL B 96 27.14 2.12 -3.53
C VAL B 96 28.46 1.84 -4.25
N GLU B 97 28.52 2.21 -5.52
CA GLU B 97 29.73 2.02 -6.33
C GLU B 97 30.26 0.59 -6.26
N GLN B 98 29.37 -0.38 -6.47
CA GLN B 98 29.74 -1.80 -6.44
C GLN B 98 30.66 -2.18 -5.30
N LYS B 99 30.32 -1.74 -4.09
CA LYS B 99 31.12 -2.05 -2.90
C LYS B 99 31.26 -3.56 -2.78
N ILE B 100 30.17 -4.28 -3.03
CA ILE B 100 30.18 -5.73 -2.97
C ILE B 100 29.45 -6.25 -4.21
N PRO B 101 29.61 -7.54 -4.54
CA PRO B 101 28.96 -8.13 -5.72
C PRO B 101 27.43 -8.08 -5.76
N TYR B 102 26.88 -7.93 -6.95
CA TYR B 102 25.43 -7.93 -7.17
C TYR B 102 24.98 -9.38 -7.14
N LYS B 103 23.77 -9.63 -6.64
CA LYS B 103 23.24 -10.99 -6.55
C LYS B 103 22.17 -11.29 -7.60
N VAL B 104 21.45 -10.28 -8.06
CA VAL B 104 20.40 -10.50 -9.05
C VAL B 104 20.99 -10.64 -10.43
N THR B 105 20.72 -11.77 -11.07
CA THR B 105 21.25 -12.05 -12.40
C THR B 105 20.14 -12.30 -13.42
N ILE B 106 20.53 -12.35 -14.69
CA ILE B 106 19.58 -12.58 -15.77
C ILE B 106 18.95 -13.98 -15.66
N VAL B 107 19.63 -14.86 -14.94
CA VAL B 107 19.13 -16.23 -14.75
C VAL B 107 17.78 -16.20 -14.03
N MET B 108 17.70 -15.36 -13.00
CA MET B 108 16.48 -15.24 -12.22
C MET B 108 15.36 -14.62 -13.03
N VAL B 109 15.71 -13.73 -13.96
CA VAL B 109 14.73 -13.07 -14.80
C VAL B 109 14.13 -14.08 -15.78
N GLU B 110 14.99 -14.90 -16.37
CA GLU B 110 14.53 -15.90 -17.33
C GLU B 110 13.69 -16.96 -16.64
N SER B 111 13.98 -17.23 -15.37
CA SER B 111 13.20 -18.21 -14.63
C SER B 111 11.76 -17.72 -14.53
N LEU B 112 11.59 -16.42 -14.25
CA LEU B 112 10.26 -15.83 -14.15
C LEU B 112 9.55 -15.89 -15.51
N GLU B 113 10.31 -15.60 -16.57
CA GLU B 113 9.74 -15.61 -17.92
C GLU B 113 9.20 -16.98 -18.31
N ARG B 114 9.90 -18.04 -17.92
CA ARG B 114 9.43 -19.39 -18.23
C ARG B 114 8.14 -19.70 -17.49
N LYS B 115 8.04 -19.23 -16.24
CA LYS B 115 6.84 -19.46 -15.44
C LYS B 115 5.68 -18.65 -16.02
N ILE B 116 5.97 -17.43 -16.47
CA ILE B 116 4.95 -16.58 -17.05
C ILE B 116 4.32 -17.27 -18.27
N ASP B 117 5.17 -17.85 -19.12
CA ASP B 117 4.68 -18.55 -20.30
C ASP B 117 3.79 -19.71 -19.93
N LEU B 118 4.25 -20.49 -18.95
CA LEU B 118 3.54 -21.66 -18.48
C LEU B 118 2.16 -21.31 -17.91
N TYR B 119 2.10 -20.25 -17.12
CA TYR B 119 0.84 -19.83 -16.51
C TYR B 119 -0.13 -19.21 -17.51
N ILE B 120 0.40 -18.51 -18.51
CA ILE B 120 -0.48 -17.93 -19.53
C ILE B 120 -1.12 -19.10 -20.27
N GLU B 121 -0.37 -20.19 -20.40
CA GLU B 121 -0.86 -21.37 -21.08
C GLU B 121 -1.93 -22.07 -20.23
N GLU B 122 -1.71 -22.10 -18.91
CA GLU B 122 -2.66 -22.75 -18.02
C GLU B 122 -4.01 -22.04 -17.95
N ALA B 123 -3.98 -20.72 -17.83
CA ALA B 123 -5.21 -19.94 -17.73
C ALA B 123 -6.02 -19.93 -19.02
N PRO B 124 -7.33 -19.65 -18.92
CA PRO B 124 -8.21 -19.62 -20.09
C PRO B 124 -7.71 -18.50 -21.01
N PRO B 125 -8.12 -18.50 -22.28
CA PRO B 125 -7.65 -17.45 -23.18
C PRO B 125 -8.10 -16.07 -22.71
N LEU B 126 -7.19 -15.10 -22.77
CA LEU B 126 -7.48 -13.73 -22.35
C LEU B 126 -8.17 -13.01 -23.49
N GLU B 127 -9.49 -12.85 -23.38
CA GLU B 127 -10.29 -12.21 -24.41
C GLU B 127 -11.01 -10.95 -23.97
N ARG B 128 -10.69 -10.45 -22.78
CA ARG B 128 -11.34 -9.25 -22.27
C ARG B 128 -10.40 -8.52 -21.34
N PHE B 129 -10.63 -7.23 -21.13
CA PHE B 129 -9.80 -6.47 -20.21
C PHE B 129 -10.17 -6.93 -18.80
N ILE B 130 -9.14 -7.22 -18.00
CA ILE B 130 -9.34 -7.72 -16.65
C ILE B 130 -9.31 -6.62 -15.58
N LEU B 131 -10.24 -6.69 -14.64
CA LEU B 131 -10.29 -5.75 -13.53
C LEU B 131 -9.76 -6.57 -12.36
N PRO B 132 -8.98 -5.93 -11.46
CA PRO B 132 -8.43 -6.64 -10.30
C PRO B 132 -9.50 -7.12 -9.33
N GLY B 133 -9.47 -8.40 -9.00
CA GLY B 133 -10.45 -8.97 -8.09
C GLY B 133 -10.74 -10.42 -8.39
N GLY B 134 -11.85 -10.92 -7.85
CA GLY B 134 -12.24 -12.31 -8.05
C GLY B 134 -12.12 -13.04 -6.71
N SER B 135 -11.31 -14.09 -6.67
CA SER B 135 -11.09 -14.82 -5.42
C SER B 135 -10.26 -13.89 -4.55
N GLU B 136 -10.30 -14.04 -3.23
CA GLU B 136 -9.52 -13.16 -2.38
C GLU B 136 -8.03 -13.33 -2.63
N ALA B 137 -7.60 -14.54 -2.96
CA ALA B 137 -6.18 -14.77 -3.22
C ALA B 137 -5.74 -14.01 -4.46
N ALA B 138 -6.52 -14.10 -5.53
CA ALA B 138 -6.18 -13.39 -6.75
C ALA B 138 -6.23 -11.87 -6.52
N ALA B 139 -7.18 -11.43 -5.71
CA ALA B 139 -7.31 -10.01 -5.42
C ALA B 139 -6.08 -9.44 -4.72
N THR B 140 -5.56 -10.17 -3.75
CA THR B 140 -4.39 -9.69 -3.03
C THR B 140 -3.14 -9.75 -3.92
N ILE B 141 -3.13 -10.69 -4.87
CA ILE B 141 -2.00 -10.81 -5.78
C ILE B 141 -2.00 -9.58 -6.72
N HIS B 142 -3.19 -9.14 -7.11
CA HIS B 142 -3.30 -7.96 -7.98
C HIS B 142 -2.80 -6.72 -7.24
N ILE B 143 -3.05 -6.65 -5.94
CA ILE B 143 -2.57 -5.50 -5.17
C ILE B 143 -1.04 -5.55 -5.17
N ALA B 144 -0.49 -6.73 -4.88
CA ALA B 144 0.95 -6.90 -4.85
C ALA B 144 1.54 -6.49 -6.20
N ARG B 145 0.84 -6.85 -7.27
CA ARG B 145 1.28 -6.52 -8.63
C ARG B 145 1.47 -5.01 -8.78
N THR B 146 0.50 -4.22 -8.32
CA THR B 146 0.60 -2.77 -8.43
C THR B 146 1.71 -2.20 -7.54
N VAL B 147 1.96 -2.85 -6.40
CA VAL B 147 3.01 -2.36 -5.51
C VAL B 147 4.38 -2.66 -6.14
N VAL B 148 4.49 -3.78 -6.83
CA VAL B 148 5.74 -4.13 -7.50
C VAL B 148 6.00 -3.13 -8.61
N ARG B 149 4.92 -2.73 -9.30
CA ARG B 149 5.05 -1.76 -10.37
C ARG B 149 5.45 -0.40 -9.80
N ARG B 150 4.99 -0.10 -8.59
CA ARG B 150 5.35 1.16 -7.95
C ARG B 150 6.84 1.12 -7.59
N ALA B 151 7.32 -0.07 -7.20
CA ALA B 151 8.73 -0.23 -6.86
C ALA B 151 9.57 -0.02 -8.11
N GLU B 152 9.07 -0.55 -9.23
CA GLU B 152 9.77 -0.41 -10.49
C GLU B 152 9.97 1.06 -10.85
N ARG B 153 8.93 1.86 -10.64
CA ARG B 153 9.03 3.28 -10.97
C ARG B 153 10.10 3.96 -10.13
N SER B 154 10.17 3.60 -8.85
CA SER B 154 11.18 4.16 -7.95
C SER B 154 12.57 3.77 -8.42
N ILE B 155 12.72 2.54 -8.91
CA ILE B 155 14.02 2.07 -9.38
C ILE B 155 14.43 2.83 -10.63
N VAL B 156 13.46 3.11 -11.48
CA VAL B 156 13.73 3.86 -12.70
C VAL B 156 14.25 5.24 -12.31
N SER B 157 13.64 5.83 -11.29
CA SER B 157 14.04 7.14 -10.81
C SER B 157 15.46 7.08 -10.24
N LEU B 158 15.79 6.02 -9.53
CA LEU B 158 17.12 5.86 -8.96
C LEU B 158 18.16 5.78 -10.08
N GLN B 159 17.88 4.94 -11.06
CA GLN B 159 18.78 4.74 -12.19
C GLN B 159 19.10 6.03 -12.93
N LYS B 160 18.18 6.98 -12.89
CA LYS B 160 18.39 8.25 -13.56
C LYS B 160 19.48 9.09 -12.91
N GLU B 161 19.84 8.77 -11.67
CA GLU B 161 20.88 9.55 -11.01
C GLU B 161 22.13 8.77 -10.62
N VAL B 162 22.02 7.44 -10.53
CA VAL B 162 23.19 6.63 -10.20
C VAL B 162 23.13 5.31 -10.95
N LYS B 163 24.28 4.73 -11.23
CA LYS B 163 24.32 3.45 -11.92
C LYS B 163 23.86 2.37 -10.95
N ILE B 164 23.02 1.46 -11.42
CA ILE B 164 22.51 0.39 -10.58
C ILE B 164 22.65 -0.94 -11.30
N ASN B 165 22.27 -2.01 -10.60
CA ASN B 165 22.28 -3.35 -11.21
C ASN B 165 21.02 -3.31 -12.07
N GLU B 166 21.20 -3.01 -13.35
CA GLU B 166 20.07 -2.91 -14.25
C GLU B 166 19.23 -4.18 -14.35
N VAL B 167 19.79 -5.32 -13.94
CA VAL B 167 19.03 -6.56 -13.98
C VAL B 167 17.89 -6.50 -12.97
N VAL B 168 18.10 -5.75 -11.88
CA VAL B 168 17.08 -5.63 -10.84
C VAL B 168 15.83 -5.01 -11.47
N LEU B 169 16.04 -4.04 -12.35
CA LEU B 169 14.92 -3.39 -13.02
C LEU B 169 14.20 -4.39 -13.91
N LYS B 170 14.94 -5.23 -14.62
CA LYS B 170 14.31 -6.22 -15.49
C LYS B 170 13.55 -7.25 -14.66
N TYR B 171 14.13 -7.64 -13.53
CA TYR B 171 13.51 -8.62 -12.66
C TYR B 171 12.16 -8.12 -12.15
N VAL B 172 12.15 -6.91 -11.62
CA VAL B 172 10.94 -6.32 -11.08
C VAL B 172 9.89 -6.11 -12.17
N ASN B 173 10.36 -5.82 -13.38
CA ASN B 173 9.45 -5.62 -14.51
C ASN B 173 8.75 -6.93 -14.86
N ARG B 174 9.49 -8.03 -14.90
CA ARG B 174 8.91 -9.33 -15.21
C ARG B 174 8.03 -9.82 -14.06
N LEU B 175 8.43 -9.49 -12.84
CA LEU B 175 7.67 -9.92 -11.66
C LEU B 175 6.21 -9.48 -11.70
N SER B 176 5.95 -8.24 -12.12
CA SER B 176 4.57 -7.78 -12.18
C SER B 176 3.79 -8.61 -13.21
N ASP B 177 4.44 -8.99 -14.31
CA ASP B 177 3.79 -9.82 -15.34
C ASP B 177 3.50 -11.20 -14.77
N TYR B 178 4.43 -11.71 -13.98
CA TYR B 178 4.26 -13.03 -13.34
C TYR B 178 3.06 -12.96 -12.40
N LEU B 179 2.98 -11.90 -11.62
CA LEU B 179 1.88 -11.71 -10.68
C LEU B 179 0.54 -11.66 -11.39
N PHE B 180 0.48 -10.93 -12.50
CA PHE B 180 -0.75 -10.85 -13.27
C PHE B 180 -1.13 -12.26 -13.75
N ALA B 181 -0.13 -12.99 -14.24
CA ALA B 181 -0.37 -14.33 -14.76
C ALA B 181 -0.89 -15.31 -13.71
N ILE B 182 -0.28 -15.35 -12.53
CA ILE B 182 -0.76 -16.29 -11.52
C ILE B 182 -2.10 -15.86 -10.93
N ALA B 183 -2.38 -14.56 -10.93
CA ALA B 183 -3.65 -14.07 -10.42
C ALA B 183 -4.77 -14.74 -11.22
N ARG B 184 -4.61 -14.76 -12.54
CA ARG B 184 -5.61 -15.39 -13.40
C ARG B 184 -5.64 -16.90 -13.21
N VAL B 185 -4.48 -17.51 -12.97
CA VAL B 185 -4.44 -18.96 -12.76
C VAL B 185 -5.12 -19.30 -11.43
N ILE B 186 -4.90 -18.47 -10.42
CA ILE B 186 -5.50 -18.68 -9.11
C ILE B 186 -7.03 -18.70 -9.23
N ASN B 187 -7.59 -17.71 -9.93
CA ASN B 187 -9.04 -17.68 -10.13
C ASN B 187 -9.52 -18.93 -10.87
N ALA B 188 -8.83 -19.29 -11.95
CA ALA B 188 -9.19 -20.46 -12.75
C ALA B 188 -9.18 -21.77 -11.97
N ARG B 189 -8.15 -21.97 -11.14
CA ARG B 189 -8.07 -23.20 -10.35
C ARG B 189 -9.20 -23.28 -9.34
N LEU B 190 -9.66 -22.13 -8.88
CA LEU B 190 -10.77 -22.08 -7.92
C LEU B 190 -12.13 -22.01 -8.61
N GLN B 191 -12.10 -22.10 -9.94
CA GLN B 191 -13.31 -22.04 -10.76
C GLN B 191 -14.06 -20.73 -10.58
N VAL B 192 -13.29 -19.64 -10.59
CA VAL B 192 -13.82 -18.29 -10.45
C VAL B 192 -13.44 -17.54 -11.72
N LYS B 193 -14.42 -16.92 -12.38
CA LYS B 193 -14.12 -16.17 -13.60
C LYS B 193 -13.36 -14.92 -13.22
N ASP B 194 -12.44 -14.49 -14.08
CA ASP B 194 -11.71 -13.26 -13.82
C ASP B 194 -12.76 -12.16 -13.93
N VAL B 195 -12.58 -11.07 -13.18
CA VAL B 195 -13.51 -9.95 -13.25
C VAL B 195 -13.14 -9.19 -14.52
N GLU B 196 -14.11 -8.97 -15.39
CA GLU B 196 -13.84 -8.29 -16.65
C GLU B 196 -14.47 -6.93 -16.77
N TYR B 197 -13.85 -6.07 -17.58
CA TYR B 197 -14.38 -4.75 -17.82
C TYR B 197 -15.50 -5.02 -18.83
N ASN B 198 -16.73 -4.79 -18.42
CA ASN B 198 -17.88 -5.05 -19.28
C ASN B 198 -19.10 -4.26 -18.82
N GLY C 31 13.40 2.02 -20.27
CA GLY C 31 13.20 3.13 -19.29
C GLY C 31 11.89 3.87 -19.49
N THR C 32 11.24 3.63 -20.62
CA THR C 32 9.97 4.28 -20.93
C THR C 32 8.86 3.26 -21.14
N THR C 33 7.63 3.76 -21.23
CA THR C 33 6.46 2.92 -21.44
C THR C 33 5.50 3.60 -22.42
N SER C 34 4.79 2.80 -23.20
CA SER C 34 3.86 3.35 -24.18
C SER C 34 2.51 3.69 -23.55
N VAL C 35 2.04 4.88 -23.84
CA VAL C 35 0.75 5.34 -23.34
C VAL C 35 -0.11 5.62 -24.56
N ILE C 36 -1.26 6.26 -24.37
CA ILE C 36 -2.14 6.56 -25.48
C ILE C 36 -1.71 7.85 -26.18
N GLY C 37 -1.05 7.69 -27.32
CA GLY C 37 -0.60 8.85 -28.07
C GLY C 37 0.91 9.00 -28.10
N GLY C 38 1.62 8.09 -27.45
CA GLY C 38 3.07 8.16 -27.43
C GLY C 38 3.71 7.37 -26.31
N ARG C 39 4.89 7.81 -25.87
CA ARG C 39 5.61 7.13 -24.79
C ARG C 39 6.14 8.14 -23.78
N VAL C 40 6.32 7.69 -22.55
CA VAL C 40 6.83 8.55 -21.48
C VAL C 40 7.71 7.70 -20.56
N ASP C 41 8.57 8.36 -19.78
CA ASP C 41 9.43 7.64 -18.86
C ASP C 41 8.56 6.88 -17.87
N LYS C 42 9.01 5.70 -17.47
CA LYS C 42 8.25 4.87 -16.54
C LYS C 42 7.98 5.54 -15.19
N ASP C 43 8.80 6.53 -14.83
CA ASP C 43 8.61 7.21 -13.56
C ASP C 43 7.95 8.60 -13.72
N ASP C 44 7.37 8.84 -14.90
CA ASP C 44 6.70 10.09 -15.19
C ASP C 44 5.51 10.24 -14.24
N ILE C 45 5.28 11.45 -13.74
CA ILE C 45 4.19 11.70 -12.81
C ILE C 45 2.86 11.18 -13.37
N ARG C 46 2.76 11.10 -14.68
CA ARG C 46 1.55 10.61 -15.32
C ARG C 46 1.37 9.12 -15.04
N VAL C 47 2.46 8.37 -15.10
CA VAL C 47 2.42 6.93 -14.85
C VAL C 47 2.19 6.67 -13.36
N GLU C 48 2.76 7.51 -12.52
CA GLU C 48 2.57 7.35 -11.08
C GLU C 48 1.09 7.51 -10.79
N ALA C 49 0.45 8.43 -11.51
CA ALA C 49 -0.97 8.70 -11.33
C ALA C 49 -1.87 7.53 -11.71
N TYR C 50 -1.81 7.06 -12.96
CA TYR C 50 -2.70 5.97 -13.31
C TYR C 50 -2.26 4.65 -12.67
N GLY C 51 -0.98 4.55 -12.33
CA GLY C 51 -0.51 3.35 -11.68
C GLY C 51 -1.10 3.28 -10.27
N THR C 52 -1.21 4.43 -9.62
CA THR C 52 -1.77 4.48 -8.28
C THR C 52 -3.29 4.31 -8.34
N ILE C 53 -3.88 4.73 -9.45
CA ILE C 53 -5.32 4.55 -9.65
C ILE C 53 -5.53 3.04 -9.70
N ASP C 54 -4.62 2.35 -10.37
CA ASP C 54 -4.67 0.89 -10.51
C ASP C 54 -4.51 0.27 -9.12
N GLU C 55 -3.60 0.81 -8.32
CA GLU C 55 -3.38 0.30 -6.97
C GLU C 55 -4.67 0.43 -6.16
N ALA C 56 -5.31 1.60 -6.24
CA ALA C 56 -6.56 1.82 -5.52
C ALA C 56 -7.63 0.86 -6.00
N ASN C 57 -7.71 0.67 -7.32
CA ASN C 57 -8.70 -0.22 -7.90
C ASN C 57 -8.50 -1.65 -7.39
N SER C 58 -7.25 -2.04 -7.22
CA SER C 58 -6.95 -3.39 -6.74
C SER C 58 -7.38 -3.56 -5.28
N HIS C 59 -7.23 -2.50 -4.48
CA HIS C 59 -7.65 -2.58 -3.09
C HIS C 59 -9.18 -2.71 -3.03
N ILE C 60 -9.85 -2.00 -3.94
CA ILE C 60 -11.31 -2.08 -4.00
C ILE C 60 -11.72 -3.50 -4.39
N GLY C 61 -10.98 -4.11 -5.30
CA GLY C 61 -11.29 -5.47 -5.70
C GLY C 61 -11.19 -6.43 -4.54
N TYR C 62 -10.22 -6.22 -3.66
CA TYR C 62 -10.03 -7.07 -2.50
C TYR C 62 -11.15 -6.85 -1.50
N ALA C 63 -11.47 -5.58 -1.21
CA ALA C 63 -12.55 -5.28 -0.27
C ALA C 63 -13.85 -5.91 -0.75
N MET C 64 -14.06 -5.92 -2.06
CA MET C 64 -15.27 -6.49 -2.61
C MET C 64 -15.46 -7.97 -2.26
N THR C 65 -14.35 -8.69 -2.08
CA THR C 65 -14.45 -10.12 -1.75
C THR C 65 -15.04 -10.33 -0.36
N LYS C 66 -15.15 -9.24 0.40
CA LYS C 66 -15.69 -9.30 1.75
C LYS C 66 -17.09 -8.68 1.82
N LEU C 67 -17.62 -8.30 0.66
CA LEU C 67 -18.92 -7.66 0.59
C LEU C 67 -19.90 -8.35 -0.36
N GLN C 68 -19.74 -9.65 -0.56
CA GLN C 68 -20.60 -10.39 -1.48
C GLN C 68 -21.99 -10.79 -0.97
N GLY C 69 -22.23 -10.68 0.33
CA GLY C 69 -23.54 -11.07 0.85
C GLY C 69 -24.73 -10.26 0.39
N GLY C 70 -25.93 -10.80 0.59
CA GLY C 70 -27.14 -10.10 0.20
C GLY C 70 -27.31 -8.77 0.92
N ALA C 71 -26.69 -8.67 2.09
CA ALA C 71 -26.76 -7.45 2.89
C ALA C 71 -26.00 -6.29 2.26
N PHE C 72 -25.20 -6.56 1.23
CA PHE C 72 -24.41 -5.51 0.60
C PHE C 72 -24.58 -5.38 -0.90
N ILE C 73 -25.66 -5.95 -1.45
CA ILE C 73 -25.88 -5.89 -2.90
C ILE C 73 -25.77 -4.49 -3.47
N ASP C 74 -26.34 -3.50 -2.78
CA ASP C 74 -26.27 -2.13 -3.27
C ASP C 74 -24.84 -1.63 -3.37
N ILE C 75 -24.10 -1.74 -2.27
CA ILE C 75 -22.72 -1.31 -2.22
C ILE C 75 -21.82 -2.10 -3.17
N TYR C 76 -22.02 -3.42 -3.24
CA TYR C 76 -21.21 -4.25 -4.11
C TYR C 76 -21.37 -3.86 -5.59
N ASN C 77 -22.60 -3.62 -6.01
CA ASN C 77 -22.84 -3.23 -7.40
C ASN C 77 -22.23 -1.87 -7.72
N GLU C 78 -22.33 -0.94 -6.77
CA GLU C 78 -21.76 0.39 -6.96
C GLU C 78 -20.25 0.27 -7.09
N LEU C 79 -19.66 -0.63 -6.30
CA LEU C 79 -18.22 -0.86 -6.34
C LEU C 79 -17.82 -1.49 -7.68
N GLU C 80 -18.66 -2.37 -8.21
CA GLU C 80 -18.37 -3.00 -9.49
C GLU C 80 -18.26 -1.91 -10.54
N ASN C 81 -19.22 -0.98 -10.50
CA ASN C 81 -19.25 0.14 -11.42
C ASN C 81 -18.05 1.06 -11.21
N ILE C 82 -17.72 1.31 -9.96
CA ILE C 82 -16.58 2.16 -9.64
C ILE C 82 -15.27 1.58 -10.19
N GLN C 83 -15.15 0.25 -10.20
CA GLN C 83 -13.94 -0.37 -10.74
C GLN C 83 -13.80 -0.02 -12.23
N HIS C 84 -14.93 0.07 -12.92
CA HIS C 84 -14.94 0.40 -14.35
C HIS C 84 -14.55 1.86 -14.54
N GLU C 85 -15.14 2.73 -13.73
CA GLU C 85 -14.88 4.16 -13.81
C GLU C 85 -13.44 4.48 -13.40
N LEU C 86 -12.92 3.72 -12.45
CA LEU C 86 -11.55 3.90 -11.99
C LEU C 86 -10.62 3.50 -13.15
N PHE C 87 -10.97 2.42 -13.82
CA PHE C 87 -10.18 1.94 -14.95
C PHE C 87 -10.21 3.02 -16.05
N ASP C 88 -11.36 3.67 -16.20
CA ASP C 88 -11.50 4.74 -17.19
C ASP C 88 -10.66 5.95 -16.79
N CYS C 89 -10.61 6.24 -15.49
CA CYS C 89 -9.80 7.36 -15.00
C CYS C 89 -8.35 7.13 -15.41
N GLY C 90 -7.90 5.89 -15.23
CA GLY C 90 -6.53 5.55 -15.58
C GLY C 90 -6.30 5.76 -17.07
N GLY C 91 -7.28 5.35 -17.87
CA GLY C 91 -7.17 5.51 -19.31
C GLY C 91 -7.08 6.95 -19.72
N ASP C 92 -7.88 7.81 -19.09
CA ASP C 92 -7.88 9.24 -19.39
C ASP C 92 -6.55 9.90 -19.02
N LEU C 93 -5.91 9.39 -17.98
CA LEU C 93 -4.64 9.95 -17.54
C LEU C 93 -3.49 9.49 -18.43
N ALA C 94 -3.71 8.38 -19.13
CA ALA C 94 -2.67 7.83 -20.01
C ALA C 94 -2.74 8.46 -21.40
N ILE C 95 -3.74 9.30 -21.61
CA ILE C 95 -3.91 9.97 -22.90
C ILE C 95 -2.98 11.17 -23.03
N VAL C 96 -1.84 10.96 -23.68
CA VAL C 96 -0.88 12.04 -23.90
C VAL C 96 -1.34 12.78 -25.14
N GLU C 97 -1.14 12.16 -26.30
CA GLU C 97 -1.61 12.75 -27.55
C GLU C 97 -3.07 12.36 -27.63
N GLN C 98 -3.95 13.29 -27.28
CA GLN C 98 -5.38 13.02 -27.31
C GLN C 98 -5.83 12.47 -28.64
N LYS C 99 -5.73 11.15 -28.79
CA LYS C 99 -6.14 10.48 -30.03
C LYS C 99 -7.61 10.14 -29.90
N ILE C 100 -8.12 10.21 -28.68
CA ILE C 100 -9.52 9.91 -28.41
C ILE C 100 -10.06 10.78 -27.27
N PRO C 101 -11.39 10.97 -27.25
CA PRO C 101 -12.05 11.77 -26.21
C PRO C 101 -11.87 11.13 -24.84
N TYR C 102 -12.00 11.92 -23.79
CA TYR C 102 -11.89 11.39 -22.44
C TYR C 102 -13.15 10.57 -22.18
N LYS C 103 -13.06 9.61 -21.25
CA LYS C 103 -14.20 8.76 -20.92
C LYS C 103 -14.93 9.14 -19.64
N VAL C 104 -14.19 9.69 -18.67
CA VAL C 104 -14.79 10.08 -17.40
C VAL C 104 -15.56 11.39 -17.52
N THR C 105 -16.84 11.35 -17.18
CA THR C 105 -17.70 12.52 -17.27
C THR C 105 -18.24 12.98 -15.92
N ILE C 106 -18.72 14.22 -15.89
CA ILE C 106 -19.25 14.82 -14.67
C ILE C 106 -20.43 14.02 -14.11
N VAL C 107 -21.18 13.38 -15.00
CA VAL C 107 -22.33 12.58 -14.58
C VAL C 107 -21.92 11.52 -13.56
N MET C 108 -20.74 10.95 -13.75
CA MET C 108 -20.24 9.91 -12.85
C MET C 108 -19.86 10.49 -11.49
N VAL C 109 -19.46 11.76 -11.49
CA VAL C 109 -19.08 12.42 -10.25
C VAL C 109 -20.35 12.69 -9.45
N GLU C 110 -21.38 13.19 -10.13
CA GLU C 110 -22.64 13.51 -9.47
C GLU C 110 -23.25 12.26 -8.88
N SER C 111 -23.06 11.12 -9.55
CA SER C 111 -23.59 9.85 -9.07
C SER C 111 -22.98 9.54 -7.70
N LEU C 112 -21.67 9.77 -7.56
CA LEU C 112 -20.99 9.51 -6.30
C LEU C 112 -21.51 10.45 -5.20
N GLU C 113 -21.72 11.71 -5.57
CA GLU C 113 -22.21 12.70 -4.62
C GLU C 113 -23.57 12.35 -4.04
N ARG C 114 -24.46 11.83 -4.89
CA ARG C 114 -25.79 11.44 -4.43
C ARG C 114 -25.71 10.26 -3.47
N LYS C 115 -24.84 9.30 -3.77
CA LYS C 115 -24.68 8.13 -2.92
C LYS C 115 -24.06 8.52 -1.58
N ILE C 116 -23.11 9.44 -1.61
CA ILE C 116 -22.47 9.91 -0.39
C ILE C 116 -23.53 10.44 0.57
N ASP C 117 -24.44 11.29 0.07
CA ASP C 117 -25.50 11.84 0.91
C ASP C 117 -26.39 10.73 1.44
N LEU C 118 -26.72 9.79 0.55
CA LEU C 118 -27.56 8.66 0.92
C LEU C 118 -26.97 7.85 2.07
N TYR C 119 -25.68 7.52 1.97
CA TYR C 119 -25.03 6.73 3.00
C TYR C 119 -24.76 7.50 4.29
N ILE C 120 -24.56 8.81 4.20
CA ILE C 120 -24.35 9.60 5.40
C ILE C 120 -25.64 9.57 6.19
N GLU C 121 -26.76 9.55 5.46
CA GLU C 121 -28.08 9.50 6.07
C GLU C 121 -28.33 8.15 6.76
N GLU C 122 -27.89 7.07 6.13
CA GLU C 122 -28.08 5.73 6.68
C GLU C 122 -27.27 5.48 7.93
N ALA C 123 -26.00 5.91 7.93
CA ALA C 123 -25.12 5.69 9.07
C ALA C 123 -25.56 6.45 10.32
N PRO C 124 -25.10 6.01 11.50
CA PRO C 124 -25.46 6.69 12.74
C PRO C 124 -24.88 8.10 12.71
N PRO C 125 -25.33 8.98 13.63
CA PRO C 125 -24.81 10.35 13.66
C PRO C 125 -23.30 10.32 13.90
N LEU C 126 -22.55 11.11 13.13
CA LEU C 126 -21.10 11.18 13.28
C LEU C 126 -20.77 12.16 14.40
N GLU C 127 -20.43 11.65 15.58
CA GLU C 127 -20.15 12.53 16.72
C GLU C 127 -18.71 12.58 17.22
N ARG C 128 -17.84 11.73 16.69
CA ARG C 128 -16.43 11.73 17.10
C ARG C 128 -15.57 11.50 15.87
N PHE C 129 -14.27 11.71 16.00
CA PHE C 129 -13.38 11.45 14.88
C PHE C 129 -13.26 9.94 14.74
N ILE C 130 -13.26 9.48 13.49
CA ILE C 130 -13.19 8.06 13.21
C ILE C 130 -11.78 7.56 12.91
N LEU C 131 -11.41 6.43 13.50
CA LEU C 131 -10.12 5.83 13.24
C LEU C 131 -10.42 4.69 12.27
N PRO C 132 -9.51 4.41 11.33
CA PRO C 132 -9.74 3.34 10.36
C PRO C 132 -9.74 1.95 10.98
N GLY C 133 -10.82 1.19 10.75
CA GLY C 133 -10.91 -0.15 11.29
C GLY C 133 -12.34 -0.57 11.61
N GLY C 134 -12.47 -1.63 12.39
CA GLY C 134 -13.79 -2.14 12.75
C GLY C 134 -13.97 -3.52 12.18
N SER C 135 -14.95 -3.69 11.30
CA SER C 135 -15.18 -4.98 10.66
C SER C 135 -14.09 -5.14 9.62
N GLU C 136 -13.82 -6.37 9.20
CA GLU C 136 -12.80 -6.60 8.18
C GLU C 136 -13.12 -5.85 6.91
N ALA C 137 -14.37 -5.93 6.48
CA ALA C 137 -14.82 -5.25 5.26
C ALA C 137 -14.56 -3.74 5.35
N ALA C 138 -15.03 -3.13 6.43
CA ALA C 138 -14.85 -1.69 6.61
C ALA C 138 -13.37 -1.33 6.65
N ALA C 139 -12.57 -2.16 7.33
CA ALA C 139 -11.13 -1.90 7.44
C ALA C 139 -10.46 -1.87 6.07
N THR C 140 -10.82 -2.82 5.20
CA THR C 140 -10.22 -2.84 3.86
C THR C 140 -10.68 -1.65 3.03
N ILE C 141 -11.92 -1.21 3.25
CA ILE C 141 -12.46 -0.06 2.53
C ILE C 141 -11.69 1.20 2.97
N HIS C 142 -11.34 1.27 4.26
CA HIS C 142 -10.59 2.42 4.77
C HIS C 142 -9.20 2.47 4.14
N ILE C 143 -8.59 1.31 3.95
CA ILE C 143 -7.28 1.27 3.34
C ILE C 143 -7.42 1.79 1.91
N ALA C 144 -8.41 1.27 1.18
CA ALA C 144 -8.64 1.70 -0.20
C ALA C 144 -8.80 3.21 -0.25
N ARG C 145 -9.51 3.76 0.72
CA ARG C 145 -9.75 5.20 0.80
C ARG C 145 -8.43 5.99 0.83
N THR C 146 -7.48 5.53 1.64
CA THR C 146 -6.20 6.23 1.73
C THR C 146 -5.39 6.11 0.44
N VAL C 147 -5.56 5.01 -0.27
CA VAL C 147 -4.85 4.82 -1.52
C VAL C 147 -5.46 5.72 -2.60
N VAL C 148 -6.78 5.87 -2.57
CA VAL C 148 -7.46 6.74 -3.52
C VAL C 148 -6.97 8.18 -3.29
N ARG C 149 -6.76 8.53 -2.02
CA ARG C 149 -6.28 9.88 -1.70
C ARG C 149 -4.84 10.08 -2.15
N ARG C 150 -4.04 9.00 -2.10
CA ARG C 150 -2.67 9.08 -2.56
C ARG C 150 -2.69 9.27 -4.07
N ALA C 151 -3.64 8.64 -4.74
CA ALA C 151 -3.76 8.77 -6.18
C ALA C 151 -4.15 10.21 -6.53
N GLU C 152 -5.06 10.76 -5.73
CA GLU C 152 -5.51 12.13 -5.94
C GLU C 152 -4.34 13.11 -5.93
N ARG C 153 -3.43 12.93 -4.98
CA ARG C 153 -2.27 13.80 -4.87
C ARG C 153 -1.38 13.74 -6.11
N SER C 154 -1.25 12.55 -6.69
CA SER C 154 -0.44 12.40 -7.89
C SER C 154 -1.11 13.09 -9.07
N ILE C 155 -2.44 13.04 -9.10
CA ILE C 155 -3.19 13.67 -10.18
C ILE C 155 -3.05 15.19 -10.04
N VAL C 156 -3.04 15.68 -8.82
CA VAL C 156 -2.88 17.12 -8.58
C VAL C 156 -1.53 17.54 -9.14
N SER C 157 -0.50 16.79 -8.81
CA SER C 157 0.85 17.08 -9.29
C SER C 157 0.90 17.05 -10.82
N LEU C 158 0.29 16.04 -11.41
CA LEU C 158 0.27 15.90 -12.87
C LEU C 158 -0.38 17.12 -13.49
N GLN C 159 -1.54 17.49 -12.96
CA GLN C 159 -2.30 18.63 -13.46
C GLN C 159 -1.48 19.92 -13.46
N LYS C 160 -0.52 20.02 -12.55
CA LYS C 160 0.33 21.21 -12.47
C LYS C 160 1.32 21.26 -13.63
N GLU C 161 1.63 20.11 -14.21
CA GLU C 161 2.59 20.05 -15.31
C GLU C 161 1.96 19.96 -16.70
N VAL C 162 0.81 19.32 -16.78
CA VAL C 162 0.12 19.18 -18.06
C VAL C 162 -1.39 19.29 -17.89
N LYS C 163 -2.08 19.44 -19.01
CA LYS C 163 -3.53 19.55 -18.98
C LYS C 163 -4.09 18.14 -18.86
N ILE C 164 -5.10 17.97 -18.01
CA ILE C 164 -5.71 16.65 -17.81
C ILE C 164 -7.22 16.78 -17.84
N ASN C 165 -7.90 15.64 -17.83
CA ASN C 165 -9.35 15.63 -17.80
C ASN C 165 -9.64 15.98 -16.34
N GLU C 166 -10.00 17.23 -16.09
CA GLU C 166 -10.26 17.68 -14.72
C GLU C 166 -11.36 16.92 -14.01
N VAL C 167 -12.23 16.24 -14.75
CA VAL C 167 -13.30 15.48 -14.13
C VAL C 167 -12.72 14.30 -13.35
N VAL C 168 -11.59 13.78 -13.83
CA VAL C 168 -10.93 12.65 -13.18
C VAL C 168 -10.51 13.04 -11.76
N LEU C 169 -9.93 14.22 -11.62
CA LEU C 169 -9.51 14.69 -10.32
C LEU C 169 -10.73 14.82 -9.40
N LYS C 170 -11.81 15.38 -9.94
CA LYS C 170 -13.03 15.55 -9.16
C LYS C 170 -13.60 14.20 -8.76
N TYR C 171 -13.61 13.26 -9.70
CA TYR C 171 -14.13 11.92 -9.44
C TYR C 171 -13.36 11.25 -8.29
N VAL C 172 -12.03 11.28 -8.39
CA VAL C 172 -11.17 10.67 -7.38
C VAL C 172 -11.34 11.35 -6.03
N ASN C 173 -11.54 12.65 -6.05
CA ASN C 173 -11.74 13.42 -4.83
C ASN C 173 -13.04 13.02 -4.14
N ARG C 174 -14.09 12.81 -4.93
CA ARG C 174 -15.38 12.42 -4.36
C ARG C 174 -15.35 10.96 -3.91
N LEU C 175 -14.61 10.14 -4.65
CA LEU C 175 -14.53 8.70 -4.33
C LEU C 175 -14.04 8.41 -2.91
N SER C 176 -13.09 9.18 -2.41
CA SER C 176 -12.60 8.92 -1.06
C SER C 176 -13.68 9.25 -0.02
N ASP C 177 -14.53 10.23 -0.30
CA ASP C 177 -15.60 10.57 0.63
C ASP C 177 -16.66 9.47 0.59
N TYR C 178 -16.87 8.90 -0.60
CA TYR C 178 -17.83 7.82 -0.76
C TYR C 178 -17.34 6.60 0.01
N LEU C 179 -16.05 6.29 -0.14
CA LEU C 179 -15.46 5.14 0.56
C LEU C 179 -15.60 5.31 2.08
N PHE C 180 -15.32 6.52 2.58
CA PHE C 180 -15.45 6.79 4.00
C PHE C 180 -16.90 6.54 4.43
N ALA C 181 -17.84 7.03 3.64
CA ALA C 181 -19.25 6.89 3.93
C ALA C 181 -19.73 5.44 3.98
N ILE C 182 -19.35 4.62 3.00
CA ILE C 182 -19.79 3.23 3.04
C ILE C 182 -19.07 2.41 4.10
N ALA C 183 -17.85 2.82 4.45
CA ALA C 183 -17.11 2.11 5.48
C ALA C 183 -17.93 2.15 6.77
N ARG C 184 -18.48 3.32 7.09
CA ARG C 184 -19.28 3.46 8.30
C ARG C 184 -20.60 2.70 8.17
N VAL C 185 -21.20 2.75 6.99
CA VAL C 185 -22.45 2.03 6.75
C VAL C 185 -22.21 0.52 6.90
N ILE C 186 -21.06 0.05 6.40
CA ILE C 186 -20.70 -1.36 6.47
C ILE C 186 -20.58 -1.79 7.94
N ASN C 187 -19.90 -1.01 8.76
CA ASN C 187 -19.77 -1.35 10.17
C ASN C 187 -21.16 -1.40 10.81
N ALA C 188 -21.97 -0.39 10.53
CA ALA C 188 -23.31 -0.32 11.09
C ALA C 188 -24.14 -1.54 10.71
N ARG C 189 -24.14 -1.91 9.44
CA ARG C 189 -24.90 -3.07 9.01
C ARG C 189 -24.37 -4.35 9.68
N LEU C 190 -23.06 -4.42 9.86
CA LEU C 190 -22.44 -5.58 10.47
C LEU C 190 -22.48 -5.58 11.99
N GLN C 191 -23.28 -4.68 12.56
CA GLN C 191 -23.44 -4.60 14.00
C GLN C 191 -22.12 -4.29 14.74
N VAL C 192 -21.28 -3.50 14.10
CA VAL C 192 -19.99 -3.12 14.69
C VAL C 192 -19.94 -1.59 14.81
N LYS C 193 -19.50 -1.10 15.96
CA LYS C 193 -19.40 0.35 16.14
C LYS C 193 -18.15 0.82 15.43
N ASP C 194 -18.18 2.03 14.88
CA ASP C 194 -16.99 2.55 14.22
C ASP C 194 -15.93 2.72 15.31
N VAL C 195 -14.66 2.64 14.94
CA VAL C 195 -13.60 2.84 15.90
C VAL C 195 -13.48 4.36 16.00
N GLU C 196 -13.55 4.89 17.23
CA GLU C 196 -13.49 6.34 17.40
C GLU C 196 -12.25 6.80 18.16
N TYR C 197 -11.83 8.02 17.89
CA TYR C 197 -10.70 8.59 18.61
C TYR C 197 -11.31 8.96 19.95
N ASN C 198 -10.94 8.24 20.99
CA ASN C 198 -11.49 8.51 22.31
C ASN C 198 -10.60 7.94 23.39
N ARG C 199 -9.80 8.81 23.99
CA ARG C 199 -8.89 8.42 25.06
C ARG C 199 -9.64 8.37 26.40
#